data_6R80
#
_entry.id   6R80
#
_cell.length_a   41.530
_cell.length_b   79.480
_cell.length_c   185.440
_cell.angle_alpha   90.00
_cell.angle_beta   90.00
_cell.angle_gamma   90.00
#
_symmetry.space_group_name_H-M   'I 21 21 21'
#
loop_
_entity.id
_entity.type
_entity.pdbx_description
1 polymer 'AF4/FMR2 family member 4'
2 water water
#
_entity_poly.entity_id   1
_entity_poly.type   'polypeptide(L)'
_entity_poly.pdbx_seq_one_letter_code
;(MSE)GSSHHHHHHENLYFQSNASKPRRTKLVFDDRNYSADHYLQEAKKLKHNADALSDRFEKAVYYLDAVVSFIECGNA
LEKNAQESKSPFP(MSE)YSETVDLIKYT(MSE)KLKNYLAPDATAADKRLTVLCLRCESLLYLRLFKLKKENALKYSKT
LTEHLKNSYNNSQAPSPGLGSKAVG(MSE)PSPVSPKLSPGNSGNYSSGASSASASGSSVTIPQKIHQ(MSE)AASYVQV
TSNFLYATEIWDQAEQLSKEQKEFFAELDKV(MSE)GPLIFNASI(MSE)TDLVRYTRQGLHWLRQDAKLIS
;
_entity_poly.pdbx_strand_id   A
#
# COMPACT_ATOMS: atom_id res chain seq x y z
N PRO A 22 19.25 22.84 3.47
CA PRO A 22 20.31 21.82 3.48
C PRO A 22 20.73 21.40 2.07
N ARG A 23 21.98 20.93 1.94
CA ARG A 23 22.45 20.41 0.66
C ARG A 23 21.85 19.03 0.43
N ARG A 24 21.06 18.89 -0.62
CA ARG A 24 20.41 17.63 -0.94
C ARG A 24 21.30 16.79 -1.83
N THR A 25 21.39 15.50 -1.51
CA THR A 25 22.08 14.53 -2.33
C THR A 25 21.11 13.42 -2.72
N LYS A 26 21.32 12.89 -3.94
CA LYS A 26 20.47 11.85 -4.50
C LYS A 26 21.16 10.50 -4.34
N LEU A 27 20.43 9.52 -3.81
CA LEU A 27 20.99 8.20 -3.60
C LEU A 27 21.39 7.59 -4.94
N VAL A 28 22.53 6.91 -4.95
CA VAL A 28 22.95 6.08 -6.08
C VAL A 28 22.47 4.67 -5.82
N PHE A 29 21.57 4.18 -6.66
CA PHE A 29 20.90 2.91 -6.44
C PHE A 29 21.64 1.77 -7.12
N ASP A 30 21.79 0.67 -6.38
CA ASP A 30 22.38 -0.54 -6.95
C ASP A 30 21.46 -1.14 -7.99
N ASP A 31 22.03 -1.54 -9.12
CA ASP A 31 21.28 -2.18 -10.19
C ASP A 31 21.17 -3.68 -10.03
N ARG A 32 21.94 -4.27 -9.12
CA ARG A 32 21.83 -5.71 -8.88
C ARG A 32 20.48 -6.07 -8.29
N ASN A 33 19.90 -7.15 -8.78
CA ASN A 33 18.64 -7.68 -8.29
C ASN A 33 18.91 -8.95 -7.50
N TYR A 34 18.77 -8.86 -6.18
CA TYR A 34 19.06 -9.98 -5.29
C TYR A 34 17.85 -10.89 -5.17
N SER A 35 17.93 -11.87 -4.28
CA SER A 35 16.83 -12.81 -4.08
C SER A 35 15.94 -12.35 -2.93
N ALA A 36 14.77 -12.99 -2.85
CA ALA A 36 13.79 -12.62 -1.82
C ALA A 36 14.35 -12.79 -0.42
N ASP A 37 15.19 -13.82 -0.21
CA ASP A 37 15.75 -14.06 1.11
C ASP A 37 16.74 -12.96 1.50
N HIS A 38 17.48 -12.41 0.53
CA HIS A 38 18.40 -11.32 0.81
C HIS A 38 17.65 -10.09 1.30
N TYR A 39 16.57 -9.72 0.60
CA TYR A 39 15.78 -8.57 0.99
C TYR A 39 15.00 -8.86 2.28
N LEU A 40 14.48 -10.08 2.42
CA LEU A 40 13.76 -10.44 3.63
C LEU A 40 14.66 -10.38 4.85
N GLN A 41 15.88 -10.92 4.73
CA GLN A 41 16.81 -10.89 5.85
C GLN A 41 17.27 -9.46 6.15
N GLU A 42 17.39 -8.63 5.12
CA GLU A 42 17.73 -7.22 5.32
C GLU A 42 16.57 -6.46 5.94
N ALA A 43 15.33 -6.84 5.58
CA ALA A 43 14.15 -6.22 6.17
C ALA A 43 14.04 -6.57 7.65
N LYS A 44 14.35 -7.81 8.01
CA LYS A 44 14.26 -8.23 9.40
C LYS A 44 15.30 -7.52 10.26
N LYS A 45 16.51 -7.33 9.71
CA LYS A 45 17.54 -6.64 10.48
C LYS A 45 17.17 -5.19 10.72
N LEU A 46 16.55 -4.53 9.74
CA LEU A 46 16.13 -3.15 9.95
C LEU A 46 14.98 -3.05 10.94
N LYS A 47 14.04 -4.01 10.88
CA LYS A 47 12.95 -4.01 11.85
C LYS A 47 13.47 -4.24 13.26
N HIS A 48 14.45 -5.13 13.40
CA HIS A 48 15.08 -5.34 14.70
C HIS A 48 15.76 -4.07 15.21
N ASN A 49 16.36 -3.30 14.29
CA ASN A 49 16.91 -2.00 14.66
C ASN A 49 15.81 -1.06 15.14
N ALA A 50 14.65 -1.11 14.49
CA ALA A 50 13.54 -0.28 14.90
C ALA A 50 13.01 -0.69 16.27
N ASP A 51 12.95 -1.99 16.54
CA ASP A 51 12.43 -2.48 17.81
C ASP A 51 13.33 -2.07 18.98
N ALA A 52 14.64 -1.99 18.75
CA ALA A 52 15.55 -1.67 19.84
C ALA A 52 15.52 -0.18 20.20
N LEU A 53 15.14 0.67 19.25
CA LEU A 53 15.22 2.10 19.47
C LEU A 53 14.11 2.57 20.42
N SER A 54 14.37 3.71 21.05
CA SER A 54 13.43 4.29 22.02
C SER A 54 12.57 5.38 21.40
N ASP A 55 13.16 6.23 20.58
CA ASP A 55 12.43 7.36 20.00
C ASP A 55 11.44 6.86 18.95
N ARG A 56 10.23 7.43 19.01
CA ARG A 56 9.17 7.01 18.09
C ARG A 56 9.49 7.41 16.65
N PHE A 57 10.08 8.58 16.45
CA PHE A 57 10.45 8.99 15.10
C PHE A 57 11.59 8.13 14.57
N GLU A 58 12.62 7.90 15.40
CA GLU A 58 13.73 7.07 14.98
C GLU A 58 13.27 5.63 14.74
N LYS A 59 12.35 5.13 15.58
CA LYS A 59 11.75 3.83 15.32
C LYS A 59 11.00 3.82 14.00
N ALA A 60 10.16 4.83 13.78
CA ALA A 60 9.30 4.84 12.59
C ALA A 60 10.13 4.94 11.31
N VAL A 61 11.24 5.68 11.36
CA VAL A 61 12.13 5.75 10.20
C VAL A 61 12.67 4.37 9.87
N TYR A 62 13.16 3.66 10.88
CA TYR A 62 13.72 2.33 10.64
C TYR A 62 12.63 1.33 10.27
N TYR A 63 11.43 1.50 10.81
CA TYR A 63 10.32 0.64 10.41
C TYR A 63 9.99 0.82 8.94
N LEU A 64 9.93 2.07 8.47
CA LEU A 64 9.67 2.32 7.05
C LEU A 64 10.84 1.88 6.19
N ASP A 65 12.07 1.99 6.70
CA ASP A 65 13.21 1.45 5.99
C ASP A 65 13.05 -0.05 5.78
N ALA A 66 12.68 -0.77 6.85
CA ALA A 66 12.43 -2.20 6.73
C ALA A 66 11.27 -2.47 5.79
N VAL A 67 10.21 -1.67 5.88
CA VAL A 67 9.06 -1.82 4.99
C VAL A 67 9.51 -1.81 3.54
N VAL A 68 10.40 -0.89 3.19
CA VAL A 68 10.93 -0.83 1.83
C VAL A 68 11.62 -2.14 1.45
N SER A 69 12.35 -2.73 2.39
CA SER A 69 13.03 -3.99 2.11
C SER A 69 12.04 -5.15 2.01
N PHE A 70 10.99 -5.13 2.83
CA PHE A 70 9.93 -6.12 2.68
C PHE A 70 9.29 -6.02 1.30
N ILE A 71 9.11 -4.80 0.80
CA ILE A 71 8.55 -4.62 -0.54
C ILE A 71 9.50 -5.16 -1.59
N GLU A 72 10.81 -4.93 -1.41
CA GLU A 72 11.80 -5.46 -2.33
C GLU A 72 11.76 -6.99 -2.37
N CYS A 73 11.52 -7.62 -1.21
CA CYS A 73 11.44 -9.08 -1.18
C CYS A 73 10.19 -9.56 -1.90
N GLY A 74 9.07 -8.88 -1.72
CA GLY A 74 7.87 -9.21 -2.47
C GLY A 74 8.07 -9.04 -3.96
N ASN A 75 8.77 -7.97 -4.36
CA ASN A 75 9.04 -7.76 -5.78
C ASN A 75 9.99 -8.80 -6.31
N ALA A 76 10.95 -9.24 -5.49
CA ALA A 76 11.84 -10.33 -5.88
C ALA A 76 11.06 -11.61 -6.16
N LEU A 77 10.00 -11.86 -5.37
CA LEU A 77 9.18 -13.03 -5.61
C LEU A 77 8.50 -12.98 -6.96
N GLU A 78 8.03 -11.79 -7.37
CA GLU A 78 7.37 -11.67 -8.68
C GLU A 78 8.38 -11.79 -9.81
N LYS A 79 9.56 -11.17 -9.66
CA LYS A 79 10.59 -11.29 -10.67
C LYS A 79 11.14 -12.72 -10.78
N ASN A 80 11.03 -13.51 -9.71
CA ASN A 80 11.51 -14.88 -9.76
C ASN A 80 10.55 -15.79 -10.53
N ALA A 81 9.25 -15.65 -10.28
CA ALA A 81 8.27 -16.50 -10.95
C ALA A 81 6.90 -15.81 -11.00
N SER A 86 4.03 -16.56 -4.65
CA SER A 86 3.12 -15.43 -4.68
C SER A 86 3.55 -14.34 -3.71
N PRO A 87 3.52 -13.08 -4.16
CA PRO A 87 3.88 -11.97 -3.26
C PRO A 87 2.75 -11.52 -2.36
N PHE A 88 1.56 -12.09 -2.50
CA PHE A 88 0.38 -11.56 -1.81
C PHE A 88 0.51 -11.58 -0.29
N PRO A 89 0.90 -12.68 0.35
CA PRO A 89 1.09 -12.61 1.83
C PRO A 89 2.12 -11.58 2.23
N MSE A 90 3.24 -11.53 1.53
CA MSE A 90 4.31 -10.59 1.83
C MSE A 90 3.82 -9.14 1.84
O MSE A 90 4.10 -8.39 2.77
CB MSE A 90 5.45 -10.74 0.84
CG MSE A 90 6.64 -9.88 1.14
SE MSE A 90 7.12 -10.02 3.02
CE MSE A 90 9.01 -9.70 2.83
N TYR A 91 3.09 -8.78 0.78
CA TYR A 91 2.59 -7.42 0.65
C TYR A 91 1.52 -7.10 1.69
N SER A 92 0.66 -8.06 1.99
CA SER A 92 -0.38 -7.83 2.99
C SER A 92 0.22 -7.59 4.37
N GLU A 93 1.24 -8.37 4.73
CA GLU A 93 1.80 -8.26 6.07
C GLU A 93 2.62 -6.99 6.25
N THR A 94 3.22 -6.46 5.18
CA THR A 94 3.94 -5.20 5.31
C THR A 94 2.99 -4.01 5.29
N VAL A 95 1.81 -4.15 4.66
CA VAL A 95 0.75 -3.17 4.84
C VAL A 95 0.41 -3.04 6.32
N ASP A 96 0.31 -4.18 7.01
CA ASP A 96 0.05 -4.18 8.44
C ASP A 96 1.16 -3.47 9.20
N LEU A 97 2.41 -3.69 8.80
CA LEU A 97 3.53 -3.01 9.46
C LEU A 97 3.49 -1.51 9.21
N ILE A 98 3.02 -1.09 8.04
CA ILE A 98 2.89 0.33 7.73
C ILE A 98 1.86 0.98 8.65
N LYS A 99 0.73 0.29 8.86
CA LYS A 99 -0.30 0.81 9.76
C LYS A 99 0.24 0.99 11.17
N TYR A 100 0.92 -0.04 11.69
CA TYR A 100 1.54 0.06 13.00
C TYR A 100 2.56 1.19 13.05
N THR A 101 3.29 1.40 11.95
CA THR A 101 4.32 2.43 11.93
C THR A 101 3.73 3.82 12.09
N MSE A 102 2.61 4.10 11.42
CA MSE A 102 2.02 5.43 11.46
C MSE A 102 1.42 5.75 12.82
O MSE A 102 1.30 6.92 13.18
CB MSE A 102 0.97 5.57 10.36
CG MSE A 102 1.53 5.56 8.95
SE MSE A 102 0.17 5.74 7.55
CE MSE A 102 -0.72 4.01 7.73
N LYS A 103 1.06 4.70 13.57
CA LYS A 103 0.55 4.90 14.92
C LYS A 103 1.62 5.36 15.90
N LEU A 104 2.89 5.35 15.47
CA LEU A 104 4.00 5.80 16.35
C LEU A 104 3.94 7.33 16.50
N LYS A 105 3.78 8.04 15.39
CA LYS A 105 3.69 9.52 15.41
C LYS A 105 2.43 9.93 16.17
N TYR A 107 0.34 11.52 12.93
CA TYR A 107 0.59 12.82 12.31
C TYR A 107 -0.47 13.84 12.70
N LEU A 108 -1.61 13.34 13.18
CA LEU A 108 -2.72 14.22 13.55
C LEU A 108 -2.48 14.93 14.87
N ALA A 109 -1.52 14.47 15.67
CA ALA A 109 -1.21 15.03 16.99
C ALA A 109 -0.95 16.52 16.90
N PRO A 110 -1.28 17.29 17.94
CA PRO A 110 -1.00 18.74 17.89
C PRO A 110 0.48 19.05 17.88
N ASP A 111 1.29 18.22 18.52
CA ASP A 111 2.74 18.41 18.55
C ASP A 111 3.44 17.79 17.34
N ALA A 112 2.68 17.32 16.35
CA ALA A 112 3.27 16.65 15.20
C ALA A 112 4.12 17.63 14.39
N THR A 113 5.34 17.21 14.08
CA THR A 113 6.29 18.05 13.38
C THR A 113 6.16 17.86 11.86
N ALA A 114 6.83 18.73 11.11
CA ALA A 114 6.80 18.62 9.66
C ALA A 114 7.44 17.34 9.16
N ALA A 115 8.39 16.80 9.93
CA ALA A 115 9.02 15.53 9.58
C ALA A 115 8.07 14.36 9.78
N ASP A 116 7.27 14.40 10.86
CA ASP A 116 6.25 13.38 11.07
C ASP A 116 5.28 13.35 9.89
N LYS A 117 4.82 14.53 9.46
CA LYS A 117 3.91 14.61 8.34
C LYS A 117 4.56 14.10 7.06
N ARG A 118 5.84 14.45 6.84
CA ARG A 118 6.55 13.95 5.67
C ARG A 118 6.70 12.43 5.73
N LEU A 119 7.08 11.91 6.89
CA LEU A 119 7.19 10.46 7.06
C LEU A 119 5.85 9.79 6.84
N THR A 120 4.76 10.42 7.30
CA THR A 120 3.44 9.83 7.10
C THR A 120 3.08 9.76 5.61
N VAL A 121 3.41 10.81 4.86
CA VAL A 121 3.12 10.80 3.42
C VAL A 121 3.82 9.62 2.74
N LEU A 122 5.08 9.38 3.10
CA LEU A 122 5.81 8.25 2.53
C LEU A 122 5.17 6.92 2.89
N CYS A 123 4.72 6.78 4.14
CA CYS A 123 4.00 5.57 4.54
C CYS A 123 2.73 5.41 3.73
N LEU A 124 1.98 6.50 3.57
CA LEU A 124 0.70 6.44 2.85
C LEU A 124 0.91 6.08 1.38
N ARG A 125 1.99 6.58 0.78
CA ARG A 125 2.28 6.23 -0.61
C ARG A 125 2.54 4.73 -0.74
N CYS A 126 3.32 4.16 0.19
CA CYS A 126 3.59 2.74 0.16
C CYS A 126 2.32 1.94 0.41
N GLU A 127 1.53 2.34 1.41
CA GLU A 127 0.32 1.60 1.74
C GLU A 127 -0.66 1.62 0.59
N SER A 128 -0.84 2.79 -0.04
CA SER A 128 -1.75 2.91 -1.16
C SER A 128 -1.34 2.01 -2.32
N LEU A 129 -0.10 2.14 -2.78
CA LEU A 129 0.35 1.36 -3.94
C LEU A 129 0.41 -0.12 -3.63
N LEU A 130 0.67 -0.50 -2.37
CA LEU A 130 0.63 -1.91 -2.00
C LEU A 130 -0.78 -2.46 -2.09
N TYR A 131 -1.76 -1.70 -1.60
CA TYR A 131 -3.17 -2.08 -1.75
C TYR A 131 -3.53 -2.23 -3.22
N LEU A 132 -3.09 -1.30 -4.06
CA LEU A 132 -3.36 -1.42 -5.50
C LEU A 132 -2.73 -2.68 -6.08
N ARG A 133 -1.53 -3.03 -5.61
CA ARG A 133 -0.90 -4.25 -6.08
C ARG A 133 -1.67 -5.49 -5.62
N LEU A 134 -2.12 -5.49 -4.36
CA LEU A 134 -2.91 -6.60 -3.85
C LEU A 134 -4.15 -6.82 -4.72
N PHE A 135 -4.82 -5.73 -5.11
CA PHE A 135 -5.94 -5.84 -6.04
C PHE A 135 -5.48 -6.42 -7.37
N LYS A 136 -4.42 -5.86 -7.94
CA LYS A 136 -4.01 -6.25 -9.29
C LYS A 136 -3.59 -7.72 -9.36
N LEU A 137 -3.08 -8.28 -8.27
CA LEU A 137 -2.66 -9.67 -8.30
C LEU A 137 -3.83 -10.62 -8.52
N LYS A 138 -5.03 -10.22 -8.11
CA LYS A 138 -6.22 -11.06 -8.24
C LYS A 138 -7.32 -10.37 -9.04
N LYS A 139 -6.96 -9.44 -9.94
CA LYS A 139 -7.97 -8.72 -10.70
C LYS A 139 -8.57 -9.55 -11.81
N GLU A 140 -7.92 -10.64 -12.23
CA GLU A 140 -8.54 -11.54 -13.19
C GLU A 140 -9.76 -12.22 -12.58
N ASN A 141 -9.68 -12.61 -11.31
CA ASN A 141 -10.84 -13.18 -10.63
C ASN A 141 -11.96 -12.15 -10.53
N ALA A 142 -11.61 -10.87 -10.35
CA ALA A 142 -12.61 -9.86 -10.03
C ALA A 142 -13.52 -9.57 -11.22
N LEU A 143 -12.96 -9.55 -12.43
CA LEU A 143 -13.77 -9.18 -13.59
C LEU A 143 -14.71 -10.30 -14.01
N LYS A 144 -14.27 -11.56 -13.90
CA LYS A 144 -15.19 -12.67 -14.15
C LYS A 144 -16.30 -12.70 -13.10
N TYR A 145 -15.92 -12.66 -11.82
CA TYR A 145 -16.90 -12.68 -10.74
C TYR A 145 -17.91 -11.56 -10.89
N SER A 146 -17.48 -10.40 -11.36
CA SER A 146 -18.39 -9.26 -11.53
C SER A 146 -19.52 -9.60 -12.48
N LYS A 147 -19.20 -10.22 -13.62
CA LYS A 147 -20.23 -10.56 -14.60
C LYS A 147 -21.14 -11.65 -14.08
N THR A 148 -20.56 -12.67 -13.43
CA THR A 148 -21.37 -13.76 -12.90
C THR A 148 -22.28 -13.28 -11.78
N LEU A 149 -21.74 -12.48 -10.85
CA LEU A 149 -22.54 -12.02 -9.73
C LEU A 149 -23.70 -11.14 -10.19
N THR A 150 -23.42 -10.19 -11.10
CA THR A 150 -24.47 -9.33 -11.63
C THR A 150 -25.59 -10.15 -12.25
N GLU A 151 -25.23 -11.18 -13.03
CA GLU A 151 -26.24 -11.99 -13.69
C GLU A 151 -27.04 -12.82 -12.69
N HIS A 152 -26.35 -13.41 -11.70
CA HIS A 152 -27.04 -14.28 -10.75
C HIS A 152 -27.88 -13.50 -9.74
N LEU A 153 -27.44 -12.29 -9.37
CA LEU A 153 -28.20 -11.51 -8.41
C LEU A 153 -29.55 -11.07 -9.00
N LYS A 154 -29.54 -10.62 -10.25
CA LYS A 154 -30.79 -10.21 -10.89
C LYS A 154 -31.73 -11.40 -11.07
N ASN A 155 -31.18 -12.59 -11.35
CA ASN A 155 -32.03 -13.76 -11.56
C ASN A 155 -32.56 -14.33 -10.25
N SER A 156 -31.75 -14.31 -9.19
CA SER A 156 -32.23 -14.79 -7.90
C SER A 156 -33.24 -13.84 -7.28
N TYR A 157 -33.13 -12.54 -7.57
CA TYR A 157 -34.09 -11.57 -7.07
C TYR A 157 -35.43 -11.71 -7.79
N ASN A 158 -35.39 -11.86 -9.12
CA ASN A 158 -36.62 -12.05 -9.88
C ASN A 158 -37.30 -13.36 -9.49
N ASN A 159 -36.51 -14.44 -9.35
CA ASN A 159 -37.08 -15.74 -9.01
C ASN A 159 -37.64 -15.79 -7.60
N SER A 160 -37.24 -14.87 -6.73
CA SER A 160 -37.74 -14.85 -5.36
C SER A 160 -39.04 -14.06 -5.23
N GLN A 161 -39.29 -13.11 -6.13
CA GLN A 161 -40.45 -12.23 -6.04
C GLN A 161 -41.54 -12.73 -6.96
N ALA A 162 -42.70 -13.02 -6.39
CA ALA A 162 -43.80 -13.57 -7.17
C ALA A 162 -44.38 -12.51 -8.10
N PRO A 163 -44.51 -12.79 -9.40
CA PRO A 163 -45.11 -11.82 -10.31
C PRO A 163 -46.60 -11.62 -10.06
N SER A 164 -47.09 -10.44 -10.42
CA SER A 164 -48.48 -10.05 -10.18
C SER A 164 -49.06 -9.45 -11.45
N PRO A 165 -49.90 -10.20 -12.17
CA PRO A 165 -50.52 -9.64 -13.38
C PRO A 165 -51.46 -8.48 -13.03
N GLY A 166 -51.63 -7.58 -13.99
CA GLY A 166 -52.38 -6.37 -13.74
C GLY A 166 -51.65 -5.34 -12.93
N LEU A 167 -50.35 -5.54 -12.67
CA LEU A 167 -49.56 -4.61 -11.90
C LEU A 167 -48.19 -4.35 -12.52
N GLY A 168 -47.83 -5.06 -13.59
CA GLY A 168 -46.56 -4.84 -14.26
C GLY A 168 -46.72 -4.50 -15.73
N SER A 202 -39.06 -11.89 2.20
CA SER A 202 -38.24 -10.67 2.16
C SER A 202 -36.77 -11.01 2.34
N SER A 203 -36.42 -12.28 2.15
CA SER A 203 -35.03 -12.73 2.26
C SER A 203 -34.75 -13.68 1.11
N VAL A 204 -33.77 -13.32 0.29
CA VAL A 204 -33.44 -14.09 -0.90
C VAL A 204 -32.51 -15.23 -0.51
N THR A 205 -32.56 -16.31 -1.30
CA THR A 205 -31.66 -17.45 -1.14
C THR A 205 -30.76 -17.56 -2.35
N ILE A 206 -29.47 -17.81 -2.10
CA ILE A 206 -28.48 -17.91 -3.16
C ILE A 206 -27.60 -19.14 -2.92
N PRO A 207 -27.06 -19.70 -4.01
CA PRO A 207 -26.16 -20.86 -3.85
C PRO A 207 -24.93 -20.50 -3.02
N GLN A 208 -24.36 -21.52 -2.38
CA GLN A 208 -23.17 -21.30 -1.56
C GLN A 208 -22.00 -20.80 -2.40
N LYS A 209 -21.90 -21.29 -3.64
CA LYS A 209 -20.82 -20.84 -4.53
C LYS A 209 -20.95 -19.35 -4.85
N ILE A 210 -22.18 -18.89 -5.12
CA ILE A 210 -22.40 -17.48 -5.37
C ILE A 210 -22.09 -16.66 -4.13
N HIS A 211 -22.41 -17.20 -2.95
CA HIS A 211 -22.12 -16.50 -1.70
C HIS A 211 -20.62 -16.26 -1.54
N GLN A 212 -19.82 -17.32 -1.68
CA GLN A 212 -18.38 -17.19 -1.50
C GLN A 212 -17.74 -16.37 -2.61
N MSE A 213 -18.30 -16.43 -3.81
CA MSE A 213 -17.82 -15.61 -4.91
C MSE A 213 -18.05 -14.14 -4.61
O MSE A 213 -17.21 -13.29 -4.89
CB MSE A 213 -18.52 -15.99 -6.22
CG MSE A 213 -18.14 -15.09 -7.40
SE MSE A 213 -19.12 -15.48 -9.04
CE MSE A 213 -18.52 -17.30 -9.37
N ALA A 214 -19.21 -13.85 -4.01
CA ALA A 214 -19.49 -12.48 -3.57
C ALA A 214 -18.52 -12.06 -2.49
N ALA A 215 -18.26 -12.93 -1.51
CA ALA A 215 -17.39 -12.59 -0.40
C ALA A 215 -15.99 -12.23 -0.88
N SER A 216 -15.41 -13.05 -1.75
CA SER A 216 -14.06 -12.78 -2.24
C SER A 216 -14.03 -11.59 -3.18
N TYR A 217 -15.08 -11.42 -3.99
CA TYR A 217 -15.14 -10.26 -4.87
C TYR A 217 -15.11 -8.97 -4.06
N VAL A 218 -15.83 -8.93 -2.95
CA VAL A 218 -15.80 -7.76 -2.08
C VAL A 218 -14.39 -7.57 -1.52
N GLN A 219 -13.71 -8.66 -1.17
CA GLN A 219 -12.38 -8.57 -0.57
C GLN A 219 -11.38 -8.00 -1.57
N VAL A 220 -11.41 -8.46 -2.81
CA VAL A 220 -10.44 -8.01 -3.80
C VAL A 220 -10.71 -6.56 -4.18
N THR A 221 -11.97 -6.23 -4.47
CA THR A 221 -12.29 -4.86 -4.84
C THR A 221 -12.09 -3.88 -3.68
N SER A 222 -12.19 -4.37 -2.44
CA SER A 222 -11.93 -3.52 -1.30
C SER A 222 -10.48 -3.01 -1.31
N ASN A 223 -9.52 -3.91 -1.56
CA ASN A 223 -8.12 -3.52 -1.68
C ASN A 223 -7.95 -2.31 -2.58
N PHE A 224 -8.70 -2.24 -3.69
CA PHE A 224 -8.61 -1.03 -4.49
C PHE A 224 -9.25 0.15 -3.79
N LEU A 225 -10.40 -0.06 -3.15
CA LEU A 225 -11.08 1.04 -2.47
C LEU A 225 -10.14 1.69 -1.46
N TYR A 226 -9.36 0.88 -0.75
CA TYR A 226 -8.38 1.43 0.19
C TYR A 226 -7.27 2.15 -0.55
N ALA A 227 -6.83 1.62 -1.69
CA ALA A 227 -5.75 2.23 -2.44
C ALA A 227 -6.13 3.64 -2.90
N THR A 228 -7.35 3.80 -3.41
CA THR A 228 -7.81 5.12 -3.83
C THR A 228 -7.89 6.08 -2.65
N GLU A 229 -8.49 5.64 -1.55
CA GLU A 229 -8.70 6.52 -0.40
C GLU A 229 -7.38 6.91 0.25
N ILE A 230 -6.46 5.96 0.39
CA ILE A 230 -5.18 6.28 1.01
C ILE A 230 -4.33 7.14 0.08
N TRP A 231 -4.49 6.97 -1.24
CA TRP A 231 -3.75 7.79 -2.18
C TRP A 231 -4.18 9.25 -2.11
N ASP A 232 -5.50 9.48 -2.06
CA ASP A 232 -6.01 10.84 -1.88
C ASP A 232 -5.55 11.42 -0.54
N GLN A 233 -5.48 10.59 0.49
CA GLN A 233 -5.02 11.06 1.80
C GLN A 233 -3.57 11.51 1.73
N ALA A 234 -2.70 10.71 1.10
CA ALA A 234 -1.33 11.14 0.83
C ALA A 234 -1.29 12.40 -0.02
N GLU A 235 -2.16 12.49 -1.02
CA GLU A 235 -2.18 13.67 -1.88
C GLU A 235 -2.57 14.92 -1.10
N GLN A 236 -3.54 14.80 -0.19
CA GLN A 236 -3.97 15.94 0.59
C GLN A 236 -2.91 16.35 1.61
N LEU A 237 -2.31 15.38 2.32
CA LEU A 237 -1.37 15.72 3.38
C LEU A 237 -0.11 16.37 2.84
N SER A 238 0.34 15.99 1.64
CA SER A 238 1.54 16.58 1.08
C SER A 238 1.36 18.06 0.77
N LYS A 239 0.12 18.53 0.62
CA LYS A 239 -0.12 19.95 0.44
C LYS A 239 0.43 20.77 1.61
N GLU A 240 0.47 20.18 2.80
CA GLU A 240 1.05 20.85 3.96
C GLU A 240 2.57 20.81 3.96
N GLN A 241 3.18 20.00 3.10
CA GLN A 241 4.63 19.97 2.92
C GLN A 241 4.96 20.06 1.44
N LYS A 242 4.37 21.05 0.77
CA LYS A 242 4.41 21.09 -0.69
C LYS A 242 5.85 21.22 -1.21
N GLU A 243 6.68 22.01 -0.52
CA GLU A 243 8.04 22.25 -0.99
C GLU A 243 8.87 20.98 -0.93
N PHE A 244 8.80 20.26 0.19
CA PHE A 244 9.61 19.06 0.35
C PHE A 244 9.32 18.05 -0.74
N PHE A 245 8.03 17.79 -1.01
CA PHE A 245 7.67 16.75 -1.96
C PHE A 245 7.68 17.23 -3.40
N ALA A 246 7.64 18.54 -3.63
CA ALA A 246 7.92 19.03 -4.98
C ALA A 246 9.37 18.79 -5.34
N GLU A 247 10.27 18.90 -4.36
CA GLU A 247 11.69 18.62 -4.59
C GLU A 247 11.92 17.13 -4.80
N LEU A 248 11.34 16.30 -3.92
CA LEU A 248 11.46 14.86 -4.08
C LEU A 248 10.90 14.40 -5.41
N ASP A 249 9.75 14.94 -5.80
CA ASP A 249 9.20 14.64 -7.12
C ASP A 249 10.13 15.09 -8.23
N LYS A 250 10.84 16.21 -8.03
CA LYS A 250 11.71 16.72 -9.07
C LYS A 250 12.93 15.81 -9.25
N VAL A 251 13.49 15.32 -8.15
CA VAL A 251 14.68 14.49 -8.24
C VAL A 251 14.35 13.08 -8.72
N MSE A 252 13.26 12.51 -8.22
CA MSE A 252 12.93 11.12 -8.50
C MSE A 252 11.90 10.91 -9.60
O MSE A 252 11.73 9.80 -10.10
CB MSE A 252 12.43 10.44 -7.22
CG MSE A 252 13.39 10.50 -6.06
SE MSE A 252 15.06 9.62 -6.48
CE MSE A 252 14.39 7.82 -6.81
N GLY A 253 11.20 11.97 -9.98
CA GLY A 253 10.00 11.82 -10.76
C GLY A 253 8.86 11.43 -9.84
N PRO A 254 7.67 11.92 -10.11
CA PRO A 254 6.55 11.67 -9.20
C PRO A 254 6.00 10.27 -9.33
N LEU A 255 5.58 9.72 -8.20
CA LEU A 255 4.88 8.45 -8.19
C LEU A 255 3.54 8.60 -8.92
N ILE A 256 3.24 7.63 -9.78
CA ILE A 256 1.98 7.59 -10.52
C ILE A 256 1.15 6.46 -9.94
N PHE A 257 -0.09 6.76 -9.59
CA PHE A 257 -0.95 5.81 -8.89
C PHE A 257 -1.02 4.47 -9.62
N ASN A 258 -1.43 4.50 -10.89
CA ASN A 258 -1.65 3.29 -11.68
C ASN A 258 -0.44 2.85 -12.49
N ALA A 259 0.71 3.51 -12.37
CA ALA A 259 1.80 3.24 -13.30
C ALA A 259 3.13 2.95 -12.60
N SER A 260 3.35 3.53 -11.42
CA SER A 260 4.60 3.32 -10.71
C SER A 260 4.71 1.88 -10.21
N ILE A 261 5.78 1.20 -10.61
CA ILE A 261 6.01 -0.18 -10.19
C ILE A 261 6.63 -0.16 -8.80
N MSE A 262 6.82 -1.35 -8.22
CA MSE A 262 7.34 -1.46 -6.86
C MSE A 262 8.75 -0.88 -6.74
O MSE A 262 9.09 -0.26 -5.73
CB MSE A 262 7.32 -2.91 -6.41
CG MSE A 262 5.93 -3.52 -6.28
SE MSE A 262 4.76 -2.59 -5.02
CE MSE A 262 3.83 -1.39 -6.25
N THR A 263 9.57 -1.10 -7.77
CA THR A 263 10.94 -0.59 -7.76
C THR A 263 10.95 0.94 -7.76
N ASP A 264 10.10 1.55 -8.59
CA ASP A 264 9.94 3.00 -8.56
C ASP A 264 9.56 3.47 -7.16
N LEU A 265 8.62 2.77 -6.53
CA LEU A 265 8.17 3.12 -5.19
C LEU A 265 9.27 2.91 -4.16
N VAL A 266 10.02 1.81 -4.28
CA VAL A 266 11.09 1.53 -3.33
C VAL A 266 12.11 2.66 -3.32
N ARG A 267 12.54 3.08 -4.51
CA ARG A 267 13.57 4.10 -4.60
C ARG A 267 13.06 5.46 -4.15
N TYR A 268 11.83 5.80 -4.53
CA TYR A 268 11.23 7.06 -4.08
C TYR A 268 11.20 7.13 -2.56
N THR A 269 10.73 6.06 -1.91
CA THR A 269 10.63 6.06 -0.46
C THR A 269 12.00 6.14 0.20
N ARG A 270 12.97 5.37 -0.31
CA ARG A 270 14.31 5.41 0.27
C ARG A 270 14.97 6.77 0.08
N GLN A 271 14.75 7.40 -1.08
CA GLN A 271 15.27 8.76 -1.28
C GLN A 271 14.63 9.73 -0.29
N GLY A 272 13.34 9.58 -0.03
CA GLY A 272 12.69 10.41 0.97
C GLY A 272 13.23 10.16 2.37
N LEU A 273 13.45 8.88 2.72
CA LEU A 273 14.02 8.56 4.02
C LEU A 273 15.42 9.13 4.17
N HIS A 274 16.19 9.12 3.08
CA HIS A 274 17.51 9.74 3.06
C HIS A 274 17.44 11.19 3.52
N TRP A 275 16.52 11.96 2.94
CA TRP A 275 16.40 13.36 3.28
C TRP A 275 15.90 13.55 4.70
N LEU A 276 15.02 12.66 5.16
CA LEU A 276 14.50 12.76 6.52
C LEU A 276 15.61 12.53 7.55
N ARG A 277 16.46 11.51 7.32
CA ARG A 277 17.59 11.28 8.21
C ARG A 277 18.56 12.45 8.19
N GLN A 278 18.75 13.06 7.02
CA GLN A 278 19.61 14.24 6.92
C GLN A 278 19.05 15.39 7.74
N ASP A 279 17.75 15.64 7.65
CA ASP A 279 17.13 16.69 8.46
C ASP A 279 17.07 16.31 9.92
N ALA A 280 16.84 15.03 10.22
CA ALA A 280 16.82 14.55 11.59
C ALA A 280 18.22 14.31 12.15
N LYS A 281 19.27 14.47 11.33
CA LYS A 281 20.65 14.30 11.77
C LYS A 281 20.90 12.90 12.32
N LEU A 282 20.40 11.89 11.61
CA LEU A 282 20.54 10.50 12.01
C LEU A 282 21.40 9.76 10.99
N ILE A 283 21.84 8.57 11.38
CA ILE A 283 22.66 7.74 10.50
C ILE A 283 21.80 6.64 9.87
#